data_1HY3
#
_entry.id   1HY3
#
_cell.length_a   61.925
_cell.length_b   97.263
_cell.length_c   62.733
_cell.angle_alpha   90.00
_cell.angle_beta   91.93
_cell.angle_gamma   90.00
#
_symmetry.space_group_name_H-M   'P 1 21 1'
#
loop_
_entity.id
_entity.type
_entity.pdbx_description
1 polymer 'ESTROGEN SULFOTRANSFERASE'
2 non-polymer "3'-PHOSPHATE-ADENOSINE-5'-PHOSPHATE SULFATE"
3 water water
#
_entity_poly.entity_id   1
_entity_poly.type   'polypeptide(L)'
_entity_poly.pdbx_seq_one_letter_code
;MNSELDYYEKFEEVHGILMYKDFVKYWDNVEAFQARPDDLVIATYPKSGTTWVSEIVYMIYKEGDVEKCKEDVIFNRIPF
LECRKENLMNGVKQLDEMNSPRIVKTHLPPELLPASFWEKDCKIIYLCRNAKDVAVSFYYFFLMVAGHPNPGSFPEFVEK
FMQGQVPYGSWYKHVKSWWEKGKSPRVLFLFYEDLKEDIRKEVIKLIHFLERKPSEELVDRIIHHTSFQEMKNNPSTNYT
TLPDEIMNQKLSPFMRKGITGDWKNHFTEALNEKFDKHYEQQMKESTLKFRTEI
;
_entity_poly.pdbx_strand_id   A,B
#
loop_
_chem_comp.id
_chem_comp.type
_chem_comp.name
_chem_comp.formula
PPS non-polymer '3'-PHOSPHATE-ADENOSINE-5'-PHOSPHATE SULFATE' 'C10 H15 N5 O13 P2 S'
#
# COMPACT_ATOMS: atom_id res chain seq x y z
N ASN A 2 -8.90 -13.97 -16.44
CA ASN A 2 -9.23 -12.85 -17.31
C ASN A 2 -7.96 -12.03 -17.56
N SER A 3 -7.19 -11.80 -16.50
CA SER A 3 -5.95 -11.03 -16.61
C SER A 3 -4.96 -11.77 -17.51
N GLU A 4 -4.82 -13.08 -17.27
CA GLU A 4 -3.91 -13.91 -18.07
C GLU A 4 -4.30 -13.87 -19.54
N LEU A 5 -5.60 -13.88 -19.81
CA LEU A 5 -6.08 -13.85 -21.19
C LEU A 5 -5.71 -12.50 -21.79
N ASP A 6 -5.81 -11.45 -20.98
CA ASP A 6 -5.47 -10.09 -21.41
C ASP A 6 -3.99 -10.06 -21.79
N TYR A 7 -3.15 -10.64 -20.93
CA TYR A 7 -1.71 -10.69 -21.17
C TYR A 7 -1.41 -11.48 -22.45
N TYR A 8 -2.14 -12.57 -22.64
CA TYR A 8 -1.99 -13.42 -23.82
C TYR A 8 -2.34 -12.65 -25.10
N GLU A 9 -3.32 -11.77 -25.01
CA GLU A 9 -3.73 -10.99 -26.18
C GLU A 9 -2.71 -9.89 -26.52
N LYS A 10 -2.10 -9.32 -25.49
CA LYS A 10 -1.15 -8.22 -25.67
C LYS A 10 0.31 -8.53 -25.93
N PHE A 11 0.82 -9.61 -25.34
CA PHE A 11 2.23 -9.96 -25.47
C PHE A 11 2.48 -11.30 -26.10
N GLU A 12 3.69 -11.45 -26.63
CA GLU A 12 4.11 -12.65 -27.31
C GLU A 12 5.62 -12.77 -27.12
N GLU A 13 6.14 -14.00 -27.07
CA GLU A 13 7.58 -14.17 -26.88
C GLU A 13 8.38 -14.14 -28.18
N VAL A 14 9.61 -13.64 -28.09
CA VAL A 14 10.53 -13.62 -29.21
C VAL A 14 11.84 -14.02 -28.56
N HIS A 15 12.41 -15.14 -29.01
CA HIS A 15 13.65 -15.64 -28.44
C HIS A 15 13.46 -15.85 -26.94
N GLY A 16 12.25 -16.25 -26.55
CA GLY A 16 11.96 -16.53 -25.15
C GLY A 16 11.65 -15.34 -24.26
N ILE A 17 11.72 -14.15 -24.82
CA ILE A 17 11.46 -12.91 -24.08
C ILE A 17 10.08 -12.33 -24.40
N LEU A 18 9.28 -12.08 -23.37
CA LEU A 18 7.96 -11.53 -23.57
C LEU A 18 8.11 -10.16 -24.25
N MET A 19 7.25 -9.89 -25.22
CA MET A 19 7.33 -8.66 -25.99
C MET A 19 5.96 -8.14 -26.46
N TYR A 20 5.89 -6.85 -26.76
CA TYR A 20 4.66 -6.26 -27.27
C TYR A 20 4.41 -6.93 -28.62
N LYS A 21 3.19 -7.41 -28.86
CA LYS A 21 2.87 -8.09 -30.12
C LYS A 21 3.20 -7.29 -31.38
N ASP A 22 2.98 -5.99 -31.36
CA ASP A 22 3.28 -5.16 -32.53
C ASP A 22 4.77 -5.18 -32.87
N PHE A 23 5.62 -5.36 -31.86
CA PHE A 23 7.07 -5.40 -32.07
C PHE A 23 7.54 -6.76 -32.56
N VAL A 24 6.71 -7.78 -32.40
CA VAL A 24 7.10 -9.13 -32.80
C VAL A 24 6.73 -9.49 -34.24
N LYS A 25 5.62 -8.95 -34.71
CA LYS A 25 5.15 -9.26 -36.07
C LYS A 25 6.24 -9.07 -37.13
N TYR A 26 7.04 -8.01 -36.99
CA TYR A 26 8.10 -7.75 -37.95
C TYR A 26 9.48 -7.83 -37.31
N TRP A 27 9.67 -8.76 -36.38
CA TRP A 27 10.94 -8.90 -35.69
C TRP A 27 12.13 -9.11 -36.62
N ASP A 28 11.91 -9.77 -37.76
CA ASP A 28 13.00 -10.01 -38.70
C ASP A 28 13.68 -8.72 -39.10
N ASN A 29 12.89 -7.66 -39.18
CA ASN A 29 13.39 -6.35 -39.57
C ASN A 29 14.38 -5.81 -38.52
N VAL A 30 14.17 -6.21 -37.28
CA VAL A 30 15.05 -5.80 -36.18
C VAL A 30 16.25 -6.73 -36.17
N GLU A 31 15.97 -8.02 -36.33
CA GLU A 31 17.04 -9.02 -36.31
C GLU A 31 18.11 -8.71 -37.36
N ALA A 32 17.67 -8.32 -38.56
CA ALA A 32 18.58 -8.03 -39.66
C ALA A 32 19.02 -6.57 -39.76
N PHE A 33 18.74 -5.78 -38.72
CA PHE A 33 19.12 -4.37 -38.75
C PHE A 33 20.62 -4.16 -38.96
N GLN A 34 20.95 -3.25 -39.86
CA GLN A 34 22.33 -2.94 -40.17
C GLN A 34 22.88 -1.72 -39.43
N ALA A 35 23.78 -2.00 -38.48
CA ALA A 35 24.39 -0.96 -37.68
C ALA A 35 25.51 -0.30 -38.47
N ARG A 36 25.98 0.84 -37.97
CA ARG A 36 27.08 1.55 -38.58
C ARG A 36 28.10 1.64 -37.44
N PRO A 37 29.40 1.64 -37.78
CA PRO A 37 30.45 1.71 -36.76
C PRO A 37 30.30 2.81 -35.72
N ASP A 38 29.85 3.99 -36.13
CA ASP A 38 29.71 5.09 -35.18
C ASP A 38 28.36 5.17 -34.47
N ASP A 39 27.54 4.13 -34.59
CA ASP A 39 26.24 4.11 -33.91
C ASP A 39 26.52 4.07 -32.42
N LEU A 40 25.65 4.70 -31.65
CA LEU A 40 25.76 4.71 -30.21
C LEU A 40 24.44 4.16 -29.70
N VAL A 41 24.50 3.03 -28.99
CA VAL A 41 23.29 2.41 -28.47
C VAL A 41 23.08 2.78 -27.00
N ILE A 42 21.84 3.13 -26.66
CA ILE A 42 21.46 3.44 -25.29
C ILE A 42 20.44 2.34 -24.95
N ALA A 43 20.88 1.43 -24.08
CA ALA A 43 20.05 0.29 -23.71
C ALA A 43 19.60 0.40 -22.26
N THR A 44 18.33 0.07 -22.01
CA THR A 44 17.78 0.14 -20.67
C THR A 44 16.59 -0.80 -20.50
N TYR A 45 16.32 -1.16 -19.26
CA TYR A 45 15.14 -1.98 -19.00
C TYR A 45 14.10 -0.85 -18.93
N PRO A 46 12.84 -1.15 -19.27
CA PRO A 46 11.79 -0.11 -19.22
C PRO A 46 11.73 0.73 -17.94
N LYS A 47 11.55 2.04 -18.13
CA LYS A 47 11.42 3.02 -17.06
C LYS A 47 12.62 3.21 -16.15
N SER A 48 13.81 2.92 -16.66
CA SER A 48 15.03 3.07 -15.86
C SER A 48 15.68 4.44 -16.03
N GLY A 49 15.10 5.30 -16.85
CA GLY A 49 15.68 6.62 -17.06
C GLY A 49 16.24 6.84 -18.46
N THR A 50 15.76 6.04 -19.41
CA THR A 50 16.18 6.12 -20.80
C THR A 50 16.20 7.54 -21.36
N THR A 51 15.09 8.25 -21.12
CA THR A 51 14.94 9.60 -21.64
C THR A 51 15.97 10.57 -21.08
N TRP A 52 16.32 10.38 -19.82
CA TRP A 52 17.29 11.22 -19.15
C TRP A 52 18.66 11.10 -19.80
N VAL A 53 19.22 9.90 -19.83
CA VAL A 53 20.54 9.74 -20.42
C VAL A 53 20.54 10.05 -21.92
N SER A 54 19.43 9.78 -22.60
CA SER A 54 19.32 10.07 -24.03
C SER A 54 19.52 11.56 -24.29
N GLU A 55 18.88 12.41 -23.50
CA GLU A 55 19.01 13.85 -23.69
C GLU A 55 20.42 14.33 -23.34
N ILE A 56 21.03 13.72 -22.32
CA ILE A 56 22.39 14.08 -21.92
C ILE A 56 23.33 13.75 -23.09
N VAL A 57 23.18 12.54 -23.63
CA VAL A 57 24.00 12.13 -24.76
C VAL A 57 23.79 13.04 -25.97
N TYR A 58 22.54 13.40 -26.23
CA TYR A 58 22.23 14.26 -27.37
C TYR A 58 22.94 15.61 -27.21
N MET A 59 22.92 16.14 -26.00
CA MET A 59 23.57 17.43 -25.72
C MET A 59 25.07 17.31 -25.95
N ILE A 60 25.66 16.20 -25.52
CA ILE A 60 27.08 15.99 -25.71
C ILE A 60 27.41 15.97 -27.21
N TYR A 61 26.53 15.38 -28.01
CA TYR A 61 26.74 15.32 -29.46
C TYR A 61 26.61 16.69 -30.11
N LYS A 62 25.73 17.53 -29.57
CA LYS A 62 25.51 18.86 -30.13
C LYS A 62 26.35 19.95 -29.48
N GLU A 63 27.38 19.55 -28.73
CA GLU A 63 28.25 20.51 -28.05
C GLU A 63 27.45 21.38 -27.10
N GLY A 64 26.36 20.84 -26.56
CA GLY A 64 25.52 21.56 -25.63
C GLY A 64 24.62 22.64 -26.22
N ASP A 65 24.28 22.49 -27.50
CA ASP A 65 23.41 23.47 -28.17
C ASP A 65 21.94 23.06 -27.94
N VAL A 66 21.33 23.65 -26.93
CA VAL A 66 19.94 23.35 -26.58
C VAL A 66 18.98 23.50 -27.75
N GLU A 67 19.23 24.49 -28.60
CA GLU A 67 18.37 24.74 -29.76
C GLU A 67 18.39 23.54 -30.71
N LYS A 68 19.56 22.97 -30.92
CA LYS A 68 19.69 21.81 -31.82
C LYS A 68 19.03 20.57 -31.22
N CYS A 69 18.82 20.60 -29.90
CA CYS A 69 18.19 19.48 -29.22
C CYS A 69 16.66 19.57 -29.25
N LYS A 70 16.15 20.70 -29.73
CA LYS A 70 14.71 20.91 -29.82
C LYS A 70 14.20 20.86 -31.27
N GLU A 71 15.12 20.78 -32.23
CA GLU A 71 14.73 20.74 -33.63
C GLU A 71 13.62 19.74 -33.91
N ASP A 72 13.46 18.76 -33.03
CA ASP A 72 12.42 17.76 -33.17
C ASP A 72 12.31 17.04 -31.82
N VAL A 73 11.21 16.30 -31.64
CA VAL A 73 10.96 15.56 -30.42
C VAL A 73 12.01 14.46 -30.22
N ILE A 74 12.29 14.13 -28.96
CA ILE A 74 13.30 13.13 -28.65
C ILE A 74 13.08 11.76 -29.30
N PHE A 75 11.83 11.34 -29.46
CA PHE A 75 11.62 10.02 -30.07
C PHE A 75 11.85 10.03 -31.59
N ASN A 76 12.10 11.21 -32.14
CA ASN A 76 12.42 11.32 -33.57
C ASN A 76 13.93 11.57 -33.67
N ARG A 77 14.50 12.29 -32.70
CA ARG A 77 15.94 12.56 -32.69
C ARG A 77 16.73 11.30 -32.36
N ILE A 78 16.12 10.44 -31.55
CA ILE A 78 16.75 9.21 -31.09
C ILE A 78 15.76 8.05 -31.30
N PRO A 79 15.76 7.47 -32.50
CA PRO A 79 14.86 6.36 -32.84
C PRO A 79 14.89 5.20 -31.86
N PHE A 80 13.70 4.68 -31.57
CA PHE A 80 13.48 3.55 -30.67
C PHE A 80 13.57 2.31 -31.56
N LEU A 81 14.75 1.68 -31.58
CA LEU A 81 15.06 0.52 -32.42
C LEU A 81 13.96 -0.48 -32.76
N GLU A 82 13.47 -1.20 -31.76
CA GLU A 82 12.46 -2.21 -31.98
C GLU A 82 11.00 -1.73 -32.06
N CYS A 83 10.79 -0.43 -31.89
CA CYS A 83 9.43 0.10 -31.94
C CYS A 83 8.81 -0.07 -33.32
N ARG A 84 7.65 -0.70 -33.37
CA ARG A 84 6.97 -0.93 -34.63
C ARG A 84 5.48 -1.10 -34.42
N LYS A 85 4.71 -0.52 -35.34
CA LYS A 85 3.26 -0.65 -35.31
C LYS A 85 2.82 -0.47 -36.74
N GLU A 86 2.88 -1.56 -37.50
CA GLU A 86 2.52 -1.56 -38.91
C GLU A 86 3.30 -0.45 -39.62
N ASN A 87 2.59 0.54 -40.14
CA ASN A 87 3.25 1.64 -40.82
C ASN A 87 3.08 2.97 -40.10
N LEU A 88 2.51 2.92 -38.90
CA LEU A 88 2.29 4.11 -38.10
C LEU A 88 3.56 4.51 -37.37
N MET A 89 4.35 3.52 -36.95
CA MET A 89 5.62 3.76 -36.26
C MET A 89 6.61 2.70 -36.70
N ASN A 90 7.86 3.10 -36.92
CA ASN A 90 8.87 2.16 -37.38
C ASN A 90 10.28 2.65 -37.05
N GLY A 91 10.82 2.17 -35.93
CA GLY A 91 12.14 2.60 -35.51
C GLY A 91 13.26 2.26 -36.48
N VAL A 92 13.22 1.06 -37.05
CA VAL A 92 14.25 0.65 -37.99
C VAL A 92 14.25 1.61 -39.18
N LYS A 93 13.07 1.91 -39.71
CA LYS A 93 12.94 2.82 -40.84
C LYS A 93 13.52 4.19 -40.50
N GLN A 94 13.23 4.67 -39.30
CA GLN A 94 13.74 5.97 -38.86
C GLN A 94 15.26 5.98 -38.84
N LEU A 95 15.84 4.86 -38.39
CA LEU A 95 17.29 4.74 -38.30
C LEU A 95 17.93 4.61 -39.67
N ASP A 96 17.33 3.80 -40.54
CA ASP A 96 17.87 3.61 -41.88
C ASP A 96 18.00 4.93 -42.65
N GLU A 97 17.00 5.78 -42.54
CA GLU A 97 16.98 7.07 -43.22
C GLU A 97 17.85 8.13 -42.55
N MET A 98 18.32 7.85 -41.34
CA MET A 98 19.15 8.81 -40.63
C MET A 98 20.53 8.98 -41.24
N ASN A 99 20.94 10.23 -41.43
CA ASN A 99 22.28 10.48 -41.94
C ASN A 99 23.17 10.77 -40.74
N SER A 100 23.63 9.68 -40.13
CA SER A 100 24.51 9.61 -38.95
C SER A 100 25.27 10.86 -38.49
N PRO A 101 25.88 10.80 -37.29
CA PRO A 101 25.96 9.72 -36.30
C PRO A 101 24.66 9.44 -35.55
N ARG A 102 24.25 8.17 -35.57
CA ARG A 102 23.00 7.75 -34.94
C ARG A 102 23.06 7.34 -33.47
N ILE A 103 22.08 7.79 -32.71
CA ILE A 103 21.94 7.42 -31.30
C ILE A 103 20.70 6.52 -31.31
N VAL A 104 20.86 5.30 -30.84
CA VAL A 104 19.80 4.29 -30.85
C VAL A 104 19.24 3.92 -29.48
N LYS A 105 17.92 3.99 -29.32
CA LYS A 105 17.29 3.61 -28.06
C LYS A 105 16.74 2.19 -28.16
N THR A 106 16.92 1.41 -27.11
CA THR A 106 16.41 0.05 -27.09
C THR A 106 16.23 -0.41 -25.64
N HIS A 107 15.35 -1.40 -25.44
CA HIS A 107 15.14 -1.97 -24.11
C HIS A 107 15.51 -3.44 -24.18
N LEU A 108 16.15 -3.84 -25.28
CA LEU A 108 16.51 -5.24 -25.46
C LEU A 108 17.60 -5.80 -24.56
N PRO A 109 17.45 -7.07 -24.16
CA PRO A 109 18.49 -7.66 -23.32
C PRO A 109 19.65 -7.90 -24.32
N PRO A 110 20.89 -8.04 -23.84
CA PRO A 110 22.04 -8.25 -24.74
C PRO A 110 21.84 -9.33 -25.80
N GLU A 111 21.21 -10.42 -25.42
CA GLU A 111 20.98 -11.54 -26.32
C GLU A 111 20.13 -11.23 -27.54
N LEU A 112 19.24 -10.24 -27.44
CA LEU A 112 18.38 -9.88 -28.55
C LEU A 112 18.85 -8.66 -29.35
N LEU A 113 19.88 -7.98 -28.88
CA LEU A 113 20.38 -6.82 -29.60
C LEU A 113 20.85 -7.31 -30.97
N PRO A 114 20.48 -6.62 -32.05
CA PRO A 114 20.88 -7.04 -33.41
C PRO A 114 22.38 -7.33 -33.53
N ALA A 115 22.71 -8.50 -34.06
CA ALA A 115 24.09 -8.93 -34.23
C ALA A 115 25.02 -7.86 -34.81
N SER A 116 24.50 -7.05 -35.72
CA SER A 116 25.29 -6.02 -36.36
C SER A 116 25.98 -5.06 -35.39
N PHE A 117 25.30 -4.71 -34.29
CA PHE A 117 25.88 -3.81 -33.30
C PHE A 117 27.12 -4.43 -32.65
N TRP A 118 27.07 -5.73 -32.40
CA TRP A 118 28.20 -6.43 -31.79
C TRP A 118 29.32 -6.58 -32.83
N GLU A 119 28.93 -7.00 -34.03
CA GLU A 119 29.90 -7.18 -35.11
C GLU A 119 30.68 -5.90 -35.41
N LYS A 120 30.01 -4.76 -35.37
CA LYS A 120 30.69 -3.51 -35.67
C LYS A 120 31.31 -2.90 -34.42
N ASP A 121 31.13 -3.58 -33.30
CA ASP A 121 31.67 -3.16 -32.00
C ASP A 121 31.24 -1.75 -31.59
N CYS A 122 29.96 -1.44 -31.80
CA CYS A 122 29.43 -0.12 -31.46
C CYS A 122 29.47 0.13 -29.95
N LYS A 123 29.71 1.39 -29.58
CA LYS A 123 29.73 1.78 -28.17
C LYS A 123 28.28 1.66 -27.67
N ILE A 124 28.14 1.22 -26.43
CA ILE A 124 26.82 1.04 -25.82
C ILE A 124 26.84 1.65 -24.42
N ILE A 125 25.76 2.34 -24.07
CA ILE A 125 25.61 2.90 -22.74
C ILE A 125 24.40 2.19 -22.16
N TYR A 126 24.58 1.55 -21.01
CA TYR A 126 23.48 0.85 -20.37
C TYR A 126 23.15 1.58 -19.09
N LEU A 127 21.86 1.86 -18.90
CA LEU A 127 21.40 2.54 -17.70
C LEU A 127 20.53 1.61 -16.88
N CYS A 128 20.88 1.48 -15.60
CA CYS A 128 20.23 0.60 -14.65
C CYS A 128 19.55 1.42 -13.54
N ARG A 129 18.47 0.90 -12.96
CA ARG A 129 17.76 1.58 -11.87
C ARG A 129 17.30 0.49 -10.89
N ASN A 130 17.15 0.80 -9.60
CA ASN A 130 16.75 -0.23 -8.66
C ASN A 130 15.38 -0.80 -9.03
N ALA A 131 15.27 -2.12 -8.93
CA ALA A 131 14.05 -2.86 -9.29
C ALA A 131 12.73 -2.36 -8.74
N LYS A 132 12.68 -2.00 -7.47
CA LYS A 132 11.43 -1.54 -6.89
C LYS A 132 10.91 -0.25 -7.50
N ASP A 133 11.79 0.72 -7.72
CA ASP A 133 11.36 1.98 -8.35
C ASP A 133 10.97 1.73 -9.80
N VAL A 134 11.67 0.80 -10.45
CA VAL A 134 11.35 0.46 -11.84
C VAL A 134 9.96 -0.14 -11.89
N ALA A 135 9.66 -1.05 -10.96
CA ALA A 135 8.34 -1.67 -10.92
C ALA A 135 7.23 -0.62 -10.78
N VAL A 136 7.45 0.38 -9.92
CA VAL A 136 6.45 1.42 -9.73
C VAL A 136 6.22 2.17 -11.03
N SER A 137 7.31 2.64 -11.62
CA SER A 137 7.24 3.40 -12.87
C SER A 137 6.68 2.55 -14.03
N PHE A 138 7.02 1.26 -14.04
CA PHE A 138 6.54 0.38 -15.10
C PHE A 138 5.01 0.18 -14.94
N TYR A 139 4.55 0.10 -13.70
CA TYR A 139 3.13 -0.06 -13.42
C TYR A 139 2.36 1.11 -14.04
N TYR A 140 2.85 2.33 -13.82
CA TYR A 140 2.18 3.50 -14.39
C TYR A 140 2.22 3.48 -15.92
N PHE A 141 3.34 3.02 -16.48
CA PHE A 141 3.49 2.93 -17.93
C PHE A 141 2.36 2.04 -18.48
N PHE A 142 2.14 0.90 -17.82
CA PHE A 142 1.09 -0.03 -18.24
C PHE A 142 -0.27 0.68 -18.31
N LEU A 143 -0.56 1.49 -17.31
CA LEU A 143 -1.84 2.19 -17.25
C LEU A 143 -2.01 3.34 -18.24
N MET A 144 -0.94 4.04 -18.58
CA MET A 144 -1.04 5.19 -19.48
C MET A 144 -0.79 4.95 -20.96
N VAL A 145 -0.10 3.87 -21.28
CA VAL A 145 0.23 3.58 -22.68
C VAL A 145 -0.57 2.43 -23.29
N ALA A 146 -1.11 2.68 -24.48
CA ALA A 146 -1.90 1.69 -25.19
C ALA A 146 -1.03 0.47 -25.49
N GLY A 147 -1.68 -0.69 -25.62
CA GLY A 147 -0.95 -1.91 -25.92
C GLY A 147 -0.66 -2.77 -24.71
N HIS A 148 -1.12 -2.35 -23.54
CA HIS A 148 -0.90 -3.11 -22.33
C HIS A 148 -2.21 -3.66 -21.80
N PRO A 149 -2.13 -4.76 -21.04
CA PRO A 149 -3.33 -5.36 -20.46
C PRO A 149 -3.55 -4.58 -19.18
N ASN A 150 -4.70 -4.74 -18.54
CA ASN A 150 -4.96 -4.07 -17.28
C ASN A 150 -4.00 -4.74 -16.30
N PRO A 151 -3.10 -3.94 -15.68
CA PRO A 151 -2.13 -4.49 -14.73
C PRO A 151 -2.72 -4.90 -13.38
N GLY A 152 -4.00 -4.61 -13.19
CA GLY A 152 -4.65 -4.95 -11.93
C GLY A 152 -4.07 -4.11 -10.81
N SER A 153 -4.03 -4.66 -9.60
CA SER A 153 -3.50 -3.93 -8.45
C SER A 153 -1.98 -3.93 -8.53
N PHE A 154 -1.34 -3.07 -7.74
CA PHE A 154 0.11 -3.00 -7.74
C PHE A 154 0.71 -4.33 -7.28
N PRO A 155 0.14 -4.93 -6.21
CA PRO A 155 0.70 -6.21 -5.76
C PRO A 155 0.62 -7.29 -6.85
N GLU A 156 -0.48 -7.30 -7.60
CA GLU A 156 -0.64 -8.27 -8.68
C GLU A 156 0.41 -8.01 -9.76
N PHE A 157 0.55 -6.75 -10.15
CA PHE A 157 1.53 -6.37 -11.15
C PHE A 157 2.94 -6.77 -10.69
N VAL A 158 3.24 -6.51 -9.42
CA VAL A 158 4.57 -6.83 -8.91
C VAL A 158 4.86 -8.33 -8.97
N GLU A 159 3.83 -9.16 -8.84
CA GLU A 159 4.06 -10.60 -8.93
C GLU A 159 4.50 -10.93 -10.36
N LYS A 160 3.82 -10.34 -11.33
CA LYS A 160 4.16 -10.58 -12.74
C LYS A 160 5.58 -10.07 -13.01
N PHE A 161 5.94 -8.96 -12.36
CA PHE A 161 7.26 -8.39 -12.52
C PHE A 161 8.33 -9.34 -11.99
N MET A 162 8.11 -9.87 -10.78
CA MET A 162 9.08 -10.79 -10.19
C MET A 162 9.27 -12.03 -11.05
N GLN A 163 8.23 -12.41 -11.78
CA GLN A 163 8.32 -13.58 -12.65
C GLN A 163 8.78 -13.24 -14.06
N GLY A 164 9.11 -11.98 -14.30
CA GLY A 164 9.56 -11.56 -15.62
C GLY A 164 8.46 -11.66 -16.66
N GLN A 165 7.22 -11.66 -16.21
CA GLN A 165 6.08 -11.76 -17.11
C GLN A 165 5.55 -10.40 -17.51
N VAL A 166 6.43 -9.59 -18.07
CA VAL A 166 6.12 -8.25 -18.55
C VAL A 166 7.00 -8.03 -19.78
N PRO A 167 6.69 -7.01 -20.60
CA PRO A 167 7.49 -6.74 -21.79
C PRO A 167 8.96 -6.58 -21.46
N TYR A 168 9.80 -7.24 -22.27
CA TYR A 168 11.24 -7.28 -22.18
C TYR A 168 11.73 -8.28 -21.14
N GLY A 169 10.78 -9.01 -20.56
CA GLY A 169 11.12 -10.04 -19.62
C GLY A 169 11.66 -9.68 -18.25
N SER A 170 12.38 -10.63 -17.68
CA SER A 170 12.98 -10.48 -16.36
C SER A 170 13.95 -9.31 -16.20
N TRP A 171 13.63 -8.41 -15.28
CA TRP A 171 14.50 -7.27 -15.00
C TRP A 171 15.81 -7.85 -14.42
N TYR A 172 15.67 -8.88 -13.60
CA TYR A 172 16.83 -9.51 -12.98
C TYR A 172 17.85 -10.03 -14.01
N LYS A 173 17.36 -10.77 -15.00
CA LYS A 173 18.25 -11.30 -16.03
C LYS A 173 18.78 -10.18 -16.93
N HIS A 174 17.94 -9.18 -17.17
CA HIS A 174 18.30 -8.04 -18.01
C HIS A 174 19.51 -7.29 -17.45
N VAL A 175 19.42 -6.86 -16.19
CA VAL A 175 20.54 -6.13 -15.60
C VAL A 175 21.78 -7.00 -15.37
N LYS A 176 21.58 -8.27 -15.06
CA LYS A 176 22.71 -9.16 -14.84
C LYS A 176 23.48 -9.44 -16.13
N SER A 177 22.75 -9.65 -17.22
CA SER A 177 23.38 -9.92 -18.50
C SER A 177 24.12 -8.70 -18.99
N TRP A 178 23.49 -7.53 -18.88
CA TRP A 178 24.14 -6.31 -19.32
C TRP A 178 25.33 -5.97 -18.40
N TRP A 179 25.26 -6.41 -17.16
CA TRP A 179 26.36 -6.15 -16.22
C TRP A 179 27.63 -6.84 -16.71
N GLU A 180 27.48 -8.07 -17.17
CA GLU A 180 28.61 -8.83 -17.70
C GLU A 180 29.15 -8.11 -18.94
N LYS A 181 28.25 -7.68 -19.81
CA LYS A 181 28.66 -6.96 -21.02
C LYS A 181 29.37 -5.67 -20.63
N GLY A 182 28.93 -5.09 -19.51
CA GLY A 182 29.52 -3.85 -19.04
C GLY A 182 30.98 -3.94 -18.66
N LYS A 183 31.52 -5.16 -18.61
CA LYS A 183 32.92 -5.32 -18.27
C LYS A 183 33.79 -4.96 -19.46
N SER A 184 33.16 -4.89 -20.64
CA SER A 184 33.89 -4.53 -21.85
C SER A 184 34.12 -3.02 -21.85
N PRO A 185 35.25 -2.57 -22.41
CA PRO A 185 35.53 -1.14 -22.43
C PRO A 185 34.56 -0.31 -23.29
N ARG A 186 33.86 -0.96 -24.20
CA ARG A 186 32.94 -0.24 -25.08
C ARG A 186 31.49 -0.21 -24.62
N VAL A 187 31.23 -0.75 -23.44
CA VAL A 187 29.89 -0.75 -22.87
C VAL A 187 29.95 -0.05 -21.52
N LEU A 188 29.39 1.16 -21.44
CA LEU A 188 29.41 1.93 -20.19
C LEU A 188 28.18 1.60 -19.36
N PHE A 189 28.39 1.06 -18.16
CA PHE A 189 27.29 0.67 -17.28
C PHE A 189 27.03 1.76 -16.24
N LEU A 190 25.86 2.38 -16.32
CA LEU A 190 25.47 3.45 -15.41
C LEU A 190 24.26 3.11 -14.54
N PHE A 191 24.13 3.86 -13.45
CA PHE A 191 23.03 3.70 -12.50
C PHE A 191 22.24 4.98 -12.36
N TYR A 192 20.92 4.85 -12.43
CA TYR A 192 20.02 5.99 -12.31
C TYR A 192 20.30 6.71 -10.99
N GLU A 193 20.51 5.93 -9.94
CA GLU A 193 20.79 6.47 -8.62
C GLU A 193 22.07 7.32 -8.60
N ASP A 194 23.04 6.96 -9.45
CA ASP A 194 24.27 7.74 -9.53
C ASP A 194 24.00 9.07 -10.21
N LEU A 195 23.12 9.07 -11.22
CA LEU A 195 22.78 10.30 -11.89
C LEU A 195 22.04 11.22 -10.92
N LYS A 196 21.30 10.64 -10.00
CA LYS A 196 20.57 11.43 -8.99
C LYS A 196 21.54 11.96 -7.93
N GLU A 197 22.42 11.10 -7.46
CA GLU A 197 23.38 11.45 -6.42
C GLU A 197 24.44 12.50 -6.82
N ASP A 198 25.00 12.35 -8.00
CA ASP A 198 26.04 13.27 -8.46
C ASP A 198 26.01 13.35 -9.99
N ILE A 199 25.07 14.13 -10.50
CA ILE A 199 24.92 14.28 -11.94
C ILE A 199 26.19 14.81 -12.61
N ARG A 200 26.89 15.75 -11.99
CA ARG A 200 28.10 16.27 -12.60
C ARG A 200 29.10 15.14 -12.87
N LYS A 201 29.32 14.28 -11.88
CA LYS A 201 30.25 13.16 -12.03
C LYS A 201 29.89 12.25 -13.21
N GLU A 202 28.61 11.90 -13.33
CA GLU A 202 28.18 11.03 -14.42
C GLU A 202 28.26 11.72 -15.79
N VAL A 203 27.91 12.99 -15.83
CA VAL A 203 27.97 13.72 -17.09
C VAL A 203 29.41 13.77 -17.60
N ILE A 204 30.35 14.08 -16.69
CA ILE A 204 31.76 14.15 -17.06
C ILE A 204 32.24 12.78 -17.54
N LYS A 205 31.76 11.73 -16.87
CA LYS A 205 32.11 10.36 -17.24
C LYS A 205 31.60 10.07 -18.66
N LEU A 206 30.38 10.51 -18.95
CA LEU A 206 29.79 10.30 -20.28
C LEU A 206 30.53 11.07 -21.36
N ILE A 207 30.95 12.28 -21.04
CA ILE A 207 31.70 13.08 -22.00
C ILE A 207 32.99 12.39 -22.41
N HIS A 208 33.70 11.84 -21.43
CA HIS A 208 34.95 11.14 -21.72
C HIS A 208 34.72 9.84 -22.46
N PHE A 209 33.62 9.16 -22.14
CA PHE A 209 33.30 7.91 -22.80
C PHE A 209 33.03 8.17 -24.28
N LEU A 210 32.43 9.32 -24.56
CA LEU A 210 32.09 9.69 -25.92
C LEU A 210 33.22 10.46 -26.61
N GLU A 211 34.39 10.46 -25.98
CA GLU A 211 35.57 11.12 -26.51
C GLU A 211 35.40 12.57 -26.91
N ARG A 212 34.73 13.34 -26.06
CA ARG A 212 34.52 14.77 -26.28
C ARG A 212 35.31 15.51 -25.20
N LYS A 213 35.52 16.80 -25.39
CA LYS A 213 36.27 17.60 -24.43
C LYS A 213 35.34 18.21 -23.41
N PRO A 214 35.58 17.94 -22.12
CA PRO A 214 34.74 18.50 -21.07
C PRO A 214 35.13 19.95 -20.76
N SER A 215 34.14 20.79 -20.53
CA SER A 215 34.37 22.19 -20.18
C SER A 215 33.31 22.52 -19.16
N GLU A 216 33.62 23.43 -18.25
CA GLU A 216 32.67 23.83 -17.21
C GLU A 216 31.35 24.32 -17.82
N GLU A 217 31.44 25.11 -18.89
CA GLU A 217 30.24 25.65 -19.53
C GLU A 217 29.37 24.56 -20.16
N LEU A 218 30.00 23.58 -20.79
CA LEU A 218 29.26 22.49 -21.41
C LEU A 218 28.59 21.65 -20.34
N VAL A 219 29.37 21.27 -19.33
CA VAL A 219 28.82 20.47 -18.24
C VAL A 219 27.66 21.20 -17.57
N ASP A 220 27.84 22.49 -17.29
CA ASP A 220 26.80 23.28 -16.65
C ASP A 220 25.52 23.33 -17.48
N ARG A 221 25.64 23.48 -18.79
CA ARG A 221 24.46 23.53 -19.65
C ARG A 221 23.72 22.20 -19.61
N ILE A 222 24.48 21.11 -19.71
CA ILE A 222 23.86 19.78 -19.70
C ILE A 222 23.12 19.56 -18.39
N ILE A 223 23.75 19.91 -17.28
CA ILE A 223 23.14 19.71 -15.96
C ILE A 223 21.77 20.37 -15.76
N HIS A 224 21.63 21.65 -16.06
CA HIS A 224 20.31 22.24 -15.84
C HIS A 224 19.31 21.88 -16.94
N HIS A 225 19.79 21.72 -18.18
CA HIS A 225 18.91 21.35 -19.28
C HIS A 225 18.33 19.94 -19.09
N THR A 226 19.11 19.03 -18.50
CA THR A 226 18.62 17.67 -18.27
C THR A 226 18.07 17.43 -16.87
N SER A 227 17.82 18.50 -16.12
CA SER A 227 17.27 18.35 -14.78
C SER A 227 15.80 17.92 -14.94
N PHE A 228 15.27 17.21 -13.94
CA PHE A 228 13.90 16.74 -14.02
C PHE A 228 12.92 17.87 -14.31
N GLN A 229 13.03 18.96 -13.56
CA GLN A 229 12.12 20.08 -13.71
C GLN A 229 12.15 20.63 -15.13
N GLU A 230 13.32 20.76 -15.75
CA GLU A 230 13.36 21.28 -17.10
C GLU A 230 12.85 20.28 -18.13
N MET A 231 13.25 19.03 -18.01
CA MET A 231 12.79 18.03 -18.97
C MET A 231 11.29 17.75 -18.87
N LYS A 232 10.72 17.95 -17.69
CA LYS A 232 9.29 17.74 -17.50
C LYS A 232 8.47 18.78 -18.25
N ASN A 233 9.01 19.98 -18.35
CA ASN A 233 8.34 21.09 -19.03
C ASN A 233 8.76 21.25 -20.49
N ASN A 234 9.71 20.43 -20.93
CA ASN A 234 10.21 20.48 -22.31
C ASN A 234 9.39 19.54 -23.20
N PRO A 235 8.55 20.09 -24.10
CA PRO A 235 7.73 19.26 -25.00
C PRO A 235 8.54 18.32 -25.89
N SER A 236 9.82 18.64 -26.07
CA SER A 236 10.70 17.81 -26.87
C SER A 236 11.06 16.52 -26.15
N THR A 237 11.00 16.57 -24.81
CA THR A 237 11.38 15.41 -23.99
C THR A 237 10.33 14.80 -23.06
N ASN A 238 9.17 15.42 -22.92
CA ASN A 238 8.15 14.90 -22.01
C ASN A 238 7.06 14.07 -22.66
N TYR A 239 7.24 13.76 -23.94
CA TYR A 239 6.31 12.94 -24.71
C TYR A 239 4.89 13.46 -24.79
N THR A 240 4.68 14.74 -24.49
CA THR A 240 3.34 15.30 -24.54
C THR A 240 2.79 15.49 -25.96
N THR A 241 3.66 15.39 -26.97
CA THR A 241 3.19 15.55 -28.34
C THR A 241 2.55 14.25 -28.85
N LEU A 242 2.60 13.21 -28.02
CA LEU A 242 1.97 11.94 -28.39
C LEU A 242 0.49 12.06 -28.03
N PRO A 243 -0.41 11.62 -28.92
CA PRO A 243 -1.84 11.72 -28.59
C PRO A 243 -2.20 10.83 -27.41
N ASP A 244 -3.22 11.22 -26.64
CA ASP A 244 -3.65 10.45 -25.47
C ASP A 244 -4.01 9.02 -25.86
N GLU A 245 -4.28 8.81 -27.14
CA GLU A 245 -4.64 7.49 -27.66
C GLU A 245 -3.47 6.53 -27.48
N ILE A 246 -2.26 7.07 -27.60
CA ILE A 246 -1.02 6.31 -27.48
C ILE A 246 -0.48 6.41 -26.06
N MET A 247 -0.40 7.63 -25.54
CA MET A 247 0.08 7.86 -24.19
C MET A 247 -0.83 8.89 -23.55
N ASN A 248 -1.58 8.46 -22.54
CA ASN A 248 -2.52 9.35 -21.85
C ASN A 248 -1.87 9.90 -20.58
N GLN A 249 -1.39 11.14 -20.65
CA GLN A 249 -0.73 11.75 -19.51
C GLN A 249 -1.64 12.46 -18.52
N LYS A 250 -2.95 12.24 -18.63
CA LYS A 250 -3.92 12.85 -17.72
C LYS A 250 -4.14 11.93 -16.51
N PRO A 253 1.63 11.72 -15.64
CA PRO A 253 2.61 12.20 -16.63
C PRO A 253 3.81 11.28 -16.76
N PHE A 254 4.42 11.28 -17.94
CA PHE A 254 5.59 10.45 -18.22
C PHE A 254 6.72 10.87 -17.29
N MET A 255 6.94 12.18 -17.19
CA MET A 255 7.95 12.71 -16.28
C MET A 255 7.13 12.81 -15.00
N ARG A 256 7.02 11.67 -14.32
CA ARG A 256 6.22 11.50 -13.11
C ARG A 256 6.73 12.13 -11.82
N LYS A 257 7.84 11.62 -11.29
CA LYS A 257 8.41 12.16 -10.06
C LYS A 257 9.91 12.41 -10.16
N GLY A 258 10.61 11.52 -10.86
CA GLY A 258 12.04 11.67 -11.04
C GLY A 258 12.88 11.56 -9.79
N ILE A 259 12.47 10.73 -8.83
CA ILE A 259 13.22 10.54 -7.60
C ILE A 259 13.62 9.08 -7.41
N THR A 260 14.41 8.83 -6.37
CA THR A 260 14.82 7.48 -6.04
C THR A 260 14.06 7.23 -4.74
N GLY A 261 13.41 6.07 -4.62
CA GLY A 261 12.67 5.76 -3.42
C GLY A 261 11.16 5.88 -3.46
N ASP A 262 10.58 6.12 -4.63
CA ASP A 262 9.13 6.21 -4.70
C ASP A 262 8.50 4.85 -4.36
N TRP A 263 9.30 3.78 -4.39
CA TRP A 263 8.75 2.47 -4.07
C TRP A 263 8.16 2.46 -2.66
N LYS A 264 8.71 3.27 -1.77
CA LYS A 264 8.20 3.33 -0.39
C LYS A 264 6.77 3.83 -0.33
N ASN A 265 6.31 4.52 -1.37
CA ASN A 265 4.95 5.03 -1.41
C ASN A 265 4.01 4.07 -2.10
N HIS A 266 4.51 2.90 -2.49
CA HIS A 266 3.66 1.93 -3.17
C HIS A 266 3.67 0.51 -2.59
N PHE A 267 4.83 0.02 -2.18
CA PHE A 267 4.93 -1.31 -1.59
C PHE A 267 4.42 -1.31 -0.16
N THR A 268 3.62 -2.31 0.18
CA THR A 268 3.12 -2.47 1.55
C THR A 268 4.27 -3.19 2.25
N GLU A 269 4.20 -3.29 3.57
CA GLU A 269 5.27 -3.97 4.30
C GLU A 269 5.35 -5.42 3.82
N ALA A 270 4.19 -6.04 3.63
CA ALA A 270 4.14 -7.44 3.21
C ALA A 270 4.69 -7.66 1.81
N LEU A 271 4.37 -6.76 0.89
CA LEU A 271 4.85 -6.90 -0.49
C LEU A 271 6.35 -6.66 -0.53
N ASN A 272 6.82 -5.70 0.26
CA ASN A 272 8.24 -5.39 0.31
C ASN A 272 9.02 -6.59 0.85
N GLU A 273 8.47 -7.24 1.86
CA GLU A 273 9.13 -8.40 2.45
C GLU A 273 9.26 -9.53 1.43
N LYS A 274 8.17 -9.81 0.73
CA LYS A 274 8.15 -10.87 -0.27
C LYS A 274 9.09 -10.53 -1.42
N PHE A 275 9.05 -9.28 -1.86
CA PHE A 275 9.91 -8.84 -2.96
C PHE A 275 11.39 -8.93 -2.59
N ASP A 276 11.75 -8.43 -1.41
CA ASP A 276 13.15 -8.47 -1.00
C ASP A 276 13.67 -9.91 -0.90
N LYS A 277 12.83 -10.82 -0.44
CA LYS A 277 13.25 -12.22 -0.32
C LYS A 277 13.53 -12.81 -1.70
N HIS A 278 12.60 -12.58 -2.62
CA HIS A 278 12.72 -13.06 -4.00
C HIS A 278 13.91 -12.40 -4.70
N TYR A 279 14.13 -11.12 -4.41
CA TYR A 279 15.23 -10.38 -5.00
C TYR A 279 16.57 -11.04 -4.65
N GLU A 280 16.80 -11.28 -3.37
CA GLU A 280 18.06 -11.89 -2.94
C GLU A 280 18.31 -13.22 -3.63
N GLN A 281 17.27 -14.03 -3.79
CA GLN A 281 17.44 -15.32 -4.46
C GLN A 281 17.89 -15.10 -5.90
N GLN A 282 17.32 -14.07 -6.55
CA GLN A 282 17.66 -13.78 -7.94
C GLN A 282 19.01 -13.11 -8.13
N MET A 283 19.40 -12.26 -7.19
CA MET A 283 20.64 -11.49 -7.32
C MET A 283 21.87 -11.85 -6.49
N LYS A 284 21.73 -12.78 -5.55
CA LYS A 284 22.86 -13.14 -4.69
C LYS A 284 24.13 -13.56 -5.42
N GLU A 285 23.99 -14.17 -6.59
CA GLU A 285 25.15 -14.63 -7.35
C GLU A 285 25.72 -13.61 -8.34
N SER A 286 25.51 -12.33 -8.07
CA SER A 286 26.02 -11.29 -8.96
C SER A 286 26.75 -10.21 -8.18
N THR A 287 27.79 -9.64 -8.78
CA THR A 287 28.56 -8.59 -8.12
C THR A 287 27.90 -7.24 -8.32
N LEU A 288 26.84 -7.22 -9.12
CA LEU A 288 26.09 -5.99 -9.38
C LEU A 288 25.44 -5.56 -8.06
N LYS A 289 25.65 -4.31 -7.68
CA LYS A 289 25.06 -3.79 -6.43
C LYS A 289 24.43 -2.43 -6.64
N PHE A 290 23.17 -2.29 -6.23
CA PHE A 290 22.43 -1.04 -6.36
C PHE A 290 22.46 -0.22 -5.07
N SER B 3 -13.85 15.31 1.02
CA SER B 3 -14.10 16.68 1.53
C SER B 3 -14.17 16.72 3.05
N GLU B 4 -13.46 17.67 3.64
CA GLU B 4 -13.43 17.83 5.08
C GLU B 4 -14.78 18.21 5.64
N LEU B 5 -15.42 19.20 5.03
CA LEU B 5 -16.73 19.66 5.48
C LEU B 5 -17.69 18.49 5.60
N ASP B 6 -17.78 17.68 4.55
CA ASP B 6 -18.68 16.52 4.54
C ASP B 6 -18.26 15.47 5.57
N TYR B 7 -16.95 15.36 5.82
CA TYR B 7 -16.43 14.39 6.78
C TYR B 7 -17.01 14.63 8.17
N TYR B 8 -16.81 15.83 8.70
CA TYR B 8 -17.31 16.16 10.03
C TYR B 8 -18.82 16.38 10.12
N GLU B 9 -19.49 16.45 8.97
CA GLU B 9 -20.94 16.66 8.96
C GLU B 9 -21.67 15.50 9.64
N LYS B 10 -21.03 14.33 9.63
CA LYS B 10 -21.62 13.13 10.23
C LYS B 10 -21.30 13.06 11.72
N PHE B 11 -20.40 13.93 12.18
CA PHE B 11 -19.99 13.91 13.57
C PHE B 11 -20.24 15.18 14.37
N GLU B 12 -20.10 15.06 15.67
CA GLU B 12 -20.27 16.17 16.59
C GLU B 12 -19.48 15.83 17.83
N GLU B 13 -18.75 16.79 18.37
CA GLU B 13 -17.96 16.53 19.56
C GLU B 13 -18.77 16.58 20.84
N VAL B 14 -18.44 15.68 21.75
CA VAL B 14 -19.09 15.61 23.05
C VAL B 14 -17.93 15.49 24.03
N HIS B 15 -17.79 16.50 24.88
CA HIS B 15 -16.68 16.53 25.85
C HIS B 15 -15.33 16.39 25.17
N GLY B 16 -15.19 16.95 23.98
CA GLY B 16 -13.91 16.91 23.29
C GLY B 16 -13.62 15.76 22.35
N ILE B 17 -14.49 14.75 22.29
CA ILE B 17 -14.23 13.66 21.36
C ILE B 17 -15.29 13.61 20.28
N LEU B 18 -14.86 13.41 19.05
CA LEU B 18 -15.75 13.32 17.92
C LEU B 18 -16.68 12.14 18.20
N MET B 19 -17.97 12.28 17.87
CA MET B 19 -18.95 11.24 18.13
C MET B 19 -20.07 11.20 17.09
N TYR B 20 -20.67 10.03 16.89
CA TYR B 20 -21.76 9.89 15.93
C TYR B 20 -22.87 10.86 16.33
N LYS B 21 -23.34 11.65 15.36
CA LYS B 21 -24.39 12.63 15.64
C LYS B 21 -25.60 12.06 16.33
N ASP B 22 -26.07 10.90 15.88
CA ASP B 22 -27.25 10.28 16.48
C ASP B 22 -27.09 9.99 17.97
N PHE B 23 -25.89 9.60 18.40
CA PHE B 23 -25.66 9.29 19.81
C PHE B 23 -25.70 10.56 20.65
N VAL B 24 -25.06 11.62 20.15
CA VAL B 24 -24.98 12.88 20.84
C VAL B 24 -26.36 13.46 21.15
N LYS B 25 -27.32 13.19 20.27
CA LYS B 25 -28.69 13.67 20.46
C LYS B 25 -29.23 13.34 21.85
N TYR B 26 -28.98 12.12 22.30
CA TYR B 26 -29.49 11.67 23.58
C TYR B 26 -28.42 11.49 24.65
N TRP B 27 -27.30 12.18 24.51
CA TRP B 27 -26.20 12.02 25.46
C TRP B 27 -26.54 12.20 26.94
N ASP B 28 -27.44 13.13 27.25
CA ASP B 28 -27.82 13.35 28.65
C ASP B 28 -28.25 12.04 29.31
N ASN B 29 -28.92 11.19 28.54
CA ASN B 29 -29.40 9.89 29.02
C ASN B 29 -28.24 8.96 29.35
N VAL B 30 -27.17 9.08 28.59
CA VAL B 30 -25.98 8.25 28.81
C VAL B 30 -25.30 8.68 30.10
N GLU B 31 -25.07 9.98 30.25
CA GLU B 31 -24.39 10.46 31.45
C GLU B 31 -25.20 10.24 32.72
N ALA B 32 -26.52 10.23 32.60
CA ALA B 32 -27.37 10.02 33.79
C ALA B 32 -27.67 8.53 34.00
N PHE B 33 -27.05 7.67 33.21
CA PHE B 33 -27.27 6.24 33.33
C PHE B 33 -27.07 5.71 34.75
N GLN B 34 -27.99 4.86 35.18
CA GLN B 34 -27.93 4.28 36.51
C GLN B 34 -27.35 2.88 36.46
N ALA B 35 -26.15 2.73 37.01
CA ALA B 35 -25.48 1.44 37.02
C ALA B 35 -25.84 0.68 38.29
N ARG B 36 -25.60 -0.62 38.27
CA ARG B 36 -25.84 -1.46 39.43
C ARG B 36 -24.51 -2.08 39.85
N PRO B 37 -24.36 -2.41 41.14
CA PRO B 37 -23.15 -3.01 41.70
C PRO B 37 -22.55 -4.16 40.92
N ASP B 38 -23.41 -5.04 40.40
CA ASP B 38 -22.91 -6.20 39.66
C ASP B 38 -22.91 -6.05 38.16
N ASP B 39 -22.96 -4.82 37.67
CA ASP B 39 -22.90 -4.57 36.24
C ASP B 39 -21.47 -4.91 35.84
N LEU B 40 -21.30 -5.44 34.63
CA LEU B 40 -19.97 -5.76 34.12
C LEU B 40 -19.80 -4.95 32.85
N VAL B 41 -18.80 -4.08 32.83
CA VAL B 41 -18.57 -3.26 31.66
C VAL B 41 -17.45 -3.81 30.79
N ILE B 42 -17.70 -3.87 29.49
CA ILE B 42 -16.70 -4.32 28.51
C ILE B 42 -16.44 -3.07 27.69
N ALA B 43 -15.27 -2.47 27.85
CA ALA B 43 -14.92 -1.25 27.13
C ALA B 43 -13.80 -1.49 26.14
N THR B 44 -13.90 -0.86 24.98
CA THR B 44 -12.89 -1.02 23.93
C THR B 44 -12.89 0.18 23.00
N TYR B 45 -11.76 0.38 22.33
CA TYR B 45 -11.69 1.43 21.32
C TYR B 45 -12.31 0.67 20.14
N PRO B 46 -13.00 1.37 19.23
CA PRO B 46 -13.60 0.66 18.09
C PRO B 46 -12.68 -0.32 17.36
N LYS B 47 -13.26 -1.46 16.97
CA LYS B 47 -12.60 -2.51 16.22
C LYS B 47 -11.42 -3.23 16.89
N SER B 48 -11.41 -3.25 18.22
CA SER B 48 -10.34 -3.91 18.95
C SER B 48 -10.69 -5.35 19.36
N GLY B 49 -11.87 -5.83 18.95
CA GLY B 49 -12.26 -7.18 19.30
C GLY B 49 -13.39 -7.29 20.33
N THR B 50 -14.17 -6.22 20.45
CA THR B 50 -15.30 -6.15 21.38
C THR B 50 -16.23 -7.37 21.31
N THR B 51 -16.62 -7.73 20.09
CA THR B 51 -17.55 -8.84 19.89
C THR B 51 -16.96 -10.15 20.40
N TRP B 52 -15.66 -10.33 20.20
CA TRP B 52 -14.97 -11.54 20.65
C TRP B 52 -15.01 -11.68 22.17
N VAL B 53 -14.51 -10.68 22.89
CA VAL B 53 -14.51 -10.77 24.35
C VAL B 53 -15.92 -10.75 24.93
N SER B 54 -16.86 -10.11 24.24
CA SER B 54 -18.24 -10.07 24.72
C SER B 54 -18.85 -11.47 24.72
N GLU B 55 -18.59 -12.23 23.67
CA GLU B 55 -19.13 -13.58 23.56
C GLU B 55 -18.48 -14.52 24.58
N ILE B 56 -17.20 -14.31 24.84
CA ILE B 56 -16.50 -15.13 25.83
C ILE B 56 -17.13 -14.91 27.21
N VAL B 57 -17.30 -13.64 27.55
CA VAL B 57 -17.88 -13.28 28.84
C VAL B 57 -19.31 -13.80 28.96
N TYR B 58 -20.09 -13.67 27.90
CA TYR B 58 -21.47 -14.15 27.94
C TYR B 58 -21.51 -15.59 28.27
N MET B 59 -20.59 -16.33 27.66
CA MET B 59 -20.51 -17.77 27.87
C MET B 59 -20.12 -18.12 29.29
N ILE B 60 -19.23 -17.34 29.88
CA ILE B 60 -18.87 -17.62 31.22
C ILE B 60 -20.09 -17.42 32.12
N TYR B 61 -20.89 -16.41 31.80
CA TYR B 61 -22.10 -16.12 32.58
C TYR B 61 -23.17 -17.20 32.43
N LYS B 62 -23.22 -17.83 31.25
CA LYS B 62 -24.21 -18.87 31.01
C LYS B 62 -23.61 -20.27 31.10
N GLU B 63 -22.51 -20.40 31.82
CA GLU B 63 -21.83 -21.68 32.01
C GLU B 63 -21.55 -22.44 30.71
N GLY B 64 -21.23 -21.70 29.65
CA GLY B 64 -20.91 -22.32 28.37
C GLY B 64 -22.06 -22.97 27.62
N ASP B 65 -23.30 -22.55 27.91
CA ASP B 65 -24.47 -23.09 27.24
C ASP B 65 -24.67 -22.35 25.92
N VAL B 66 -24.25 -22.97 24.83
CA VAL B 66 -24.37 -22.37 23.50
C VAL B 66 -25.83 -22.08 23.15
N GLU B 67 -26.74 -22.97 23.53
CA GLU B 67 -28.15 -22.79 23.24
C GLU B 67 -28.68 -21.52 23.90
N LYS B 68 -28.01 -21.09 24.97
CA LYS B 68 -28.41 -19.88 25.69
C LYS B 68 -27.81 -18.64 25.05
N CYS B 69 -26.66 -18.79 24.40
CA CYS B 69 -25.98 -17.68 23.75
C CYS B 69 -26.54 -17.39 22.37
N LYS B 70 -27.48 -18.21 21.93
CA LYS B 70 -28.09 -18.03 20.62
C LYS B 70 -29.55 -17.58 20.78
N GLU B 71 -30.01 -17.52 22.02
CA GLU B 71 -31.38 -17.12 22.32
C GLU B 71 -31.72 -15.76 21.69
N ASP B 72 -30.69 -14.95 21.45
CA ASP B 72 -30.86 -13.63 20.83
C ASP B 72 -29.53 -13.20 20.23
N VAL B 73 -29.55 -12.13 19.45
CA VAL B 73 -28.33 -11.61 18.83
C VAL B 73 -27.46 -10.91 19.86
N ILE B 74 -26.15 -10.91 19.61
CA ILE B 74 -25.20 -10.30 20.55
C ILE B 74 -25.55 -8.88 20.97
N PHE B 75 -25.95 -8.02 20.03
CA PHE B 75 -26.28 -6.64 20.40
C PHE B 75 -27.53 -6.46 21.23
N ASN B 76 -28.20 -7.55 21.56
CA ASN B 76 -29.39 -7.48 22.40
C ASN B 76 -29.03 -8.11 23.74
N ARG B 77 -28.22 -9.15 23.70
CA ARG B 77 -27.79 -9.84 24.91
C ARG B 77 -26.87 -8.92 25.69
N ILE B 78 -26.08 -8.13 24.96
CA ILE B 78 -25.11 -7.21 25.57
C ILE B 78 -25.29 -5.82 24.97
N PRO B 79 -26.17 -5.01 25.56
CA PRO B 79 -26.47 -3.64 25.10
C PRO B 79 -25.26 -2.72 24.93
N PHE B 80 -25.31 -1.96 23.83
CA PHE B 80 -24.27 -0.99 23.47
C PHE B 80 -24.68 0.30 24.19
N LEU B 81 -24.14 0.50 25.40
CA LEU B 81 -24.46 1.64 26.24
C LEU B 81 -24.84 2.98 25.61
N GLU B 82 -23.88 3.64 24.98
CA GLU B 82 -24.12 4.97 24.40
C GLU B 82 -24.84 5.00 23.04
N CYS B 83 -25.13 3.84 22.49
CA CYS B 83 -25.77 3.72 21.20
C CYS B 83 -27.28 3.96 21.19
N ARG B 84 -27.72 4.85 20.32
CA ARG B 84 -29.14 5.12 20.18
C ARG B 84 -29.41 5.73 18.82
N LYS B 85 -30.44 5.20 18.17
CA LYS B 85 -30.87 5.66 16.86
C LYS B 85 -32.40 5.57 16.84
N GLU B 86 -33.05 6.71 16.66
CA GLU B 86 -34.51 6.78 16.65
C GLU B 86 -35.14 5.65 15.85
N ASN B 87 -36.10 4.97 16.49
CA ASN B 87 -36.83 3.86 15.87
C ASN B 87 -35.97 2.65 15.49
N LEU B 88 -34.74 2.57 16.00
CA LEU B 88 -33.89 1.45 15.65
C LEU B 88 -33.32 0.71 16.85
N MET B 89 -32.58 1.41 17.70
CA MET B 89 -31.97 0.80 18.86
C MET B 89 -31.79 1.83 19.98
N ASN B 90 -31.87 1.37 21.22
CA ASN B 90 -31.74 2.27 22.37
C ASN B 90 -31.00 1.51 23.48
N GLY B 91 -29.68 1.73 23.53
CA GLY B 91 -28.85 1.06 24.52
C GLY B 91 -29.24 1.27 25.97
N VAL B 92 -29.42 2.52 26.36
CA VAL B 92 -29.78 2.83 27.74
C VAL B 92 -31.07 2.12 28.13
N LYS B 93 -32.04 2.13 27.23
CA LYS B 93 -33.33 1.49 27.50
C LYS B 93 -33.19 -0.02 27.69
N GLN B 94 -32.53 -0.68 26.74
CA GLN B 94 -32.32 -2.12 26.84
C GLN B 94 -31.72 -2.47 28.19
N LEU B 95 -30.76 -1.65 28.63
CA LEU B 95 -30.09 -1.88 29.91
C LEU B 95 -31.02 -1.63 31.10
N ASP B 96 -31.79 -0.56 31.04
CA ASP B 96 -32.71 -0.24 32.12
C ASP B 96 -33.71 -1.38 32.31
N GLU B 97 -34.17 -1.95 31.21
CA GLU B 97 -35.15 -3.03 31.24
C GLU B 97 -34.55 -4.43 31.38
N MET B 98 -33.24 -4.51 31.61
CA MET B 98 -32.57 -5.79 31.74
C MET B 98 -32.34 -6.20 33.19
N ASN B 99 -32.46 -7.50 33.45
CA ASN B 99 -32.25 -8.04 34.79
C ASN B 99 -30.76 -8.23 35.01
N SER B 100 -30.32 -8.02 36.24
CA SER B 100 -28.91 -8.19 36.58
C SER B 100 -28.63 -9.69 36.65
N PRO B 101 -27.36 -10.09 36.46
CA PRO B 101 -26.22 -9.23 36.19
C PRO B 101 -26.19 -8.78 34.73
N ARG B 102 -26.08 -7.48 34.51
CA ARG B 102 -26.04 -6.92 33.16
C ARG B 102 -24.62 -6.83 32.63
N ILE B 103 -24.45 -7.06 31.33
CA ILE B 103 -23.14 -6.95 30.67
C ILE B 103 -23.29 -5.76 29.73
N VAL B 104 -22.49 -4.73 29.96
CA VAL B 104 -22.56 -3.49 29.19
C VAL B 104 -21.40 -3.28 28.20
N LYS B 105 -21.74 -3.02 26.94
CA LYS B 105 -20.71 -2.75 25.93
C LYS B 105 -20.56 -1.24 25.75
N THR B 106 -19.32 -0.76 25.65
CA THR B 106 -19.07 0.67 25.45
C THR B 106 -17.70 0.88 24.78
N HIS B 107 -17.56 2.02 24.10
CA HIS B 107 -16.28 2.36 23.46
C HIS B 107 -15.79 3.66 24.08
N LEU B 108 -16.43 4.10 25.15
CA LEU B 108 -16.07 5.35 25.78
C LEU B 108 -14.73 5.34 26.55
N PRO B 109 -14.01 6.48 26.53
CA PRO B 109 -12.75 6.56 27.26
C PRO B 109 -13.22 6.56 28.72
N PRO B 110 -12.33 6.22 29.67
CA PRO B 110 -12.75 6.19 31.08
C PRO B 110 -13.31 7.48 31.65
N GLU B 111 -12.81 8.60 31.17
CA GLU B 111 -13.27 9.91 31.64
C GLU B 111 -14.72 10.19 31.27
N LEU B 112 -15.21 9.52 30.23
CA LEU B 112 -16.59 9.74 29.80
C LEU B 112 -17.56 8.63 30.18
N LEU B 113 -17.07 7.58 30.84
CA LEU B 113 -17.95 6.49 31.26
C LEU B 113 -18.91 7.11 32.28
N PRO B 114 -20.20 6.75 32.22
CA PRO B 114 -21.14 7.33 33.19
C PRO B 114 -20.62 7.19 34.63
N ALA B 115 -20.65 8.30 35.35
CA ALA B 115 -20.17 8.34 36.73
C ALA B 115 -20.69 7.22 37.63
N SER B 116 -21.91 6.78 37.40
CA SER B 116 -22.50 5.71 38.21
C SER B 116 -21.66 4.44 38.26
N PHE B 117 -21.06 4.07 37.13
CA PHE B 117 -20.22 2.87 37.06
C PHE B 117 -19.02 2.97 37.98
N TRP B 118 -18.46 4.17 38.07
CA TRP B 118 -17.30 4.39 38.93
C TRP B 118 -17.74 4.44 40.40
N GLU B 119 -18.85 5.12 40.66
CA GLU B 119 -19.35 5.24 42.02
C GLU B 119 -19.68 3.88 42.63
N LYS B 120 -20.22 2.97 41.82
CA LYS B 120 -20.55 1.65 42.32
C LYS B 120 -19.38 0.66 42.19
N ASP B 121 -18.25 1.17 41.74
CA ASP B 121 -17.01 0.39 41.57
C ASP B 121 -17.23 -0.93 40.81
N CYS B 122 -17.96 -0.85 39.70
CA CYS B 122 -18.26 -2.01 38.87
C CYS B 122 -17.01 -2.63 38.25
N LYS B 123 -17.10 -3.92 37.97
CA LYS B 123 -15.99 -4.63 37.33
C LYS B 123 -15.99 -4.16 35.88
N ILE B 124 -14.80 -3.99 35.33
CA ILE B 124 -14.65 -3.54 33.94
C ILE B 124 -13.58 -4.35 33.25
N ILE B 125 -13.84 -4.75 32.00
CA ILE B 125 -12.86 -5.48 31.23
C ILE B 125 -12.54 -4.58 30.05
N TYR B 126 -11.27 -4.30 29.84
CA TYR B 126 -10.87 -3.46 28.72
C TYR B 126 -10.07 -4.30 27.75
N LEU B 127 -10.39 -4.19 26.46
CA LEU B 127 -9.64 -4.93 25.45
C LEU B 127 -8.94 -3.93 24.54
N CYS B 128 -7.63 -4.14 24.39
CA CYS B 128 -6.75 -3.29 23.59
C CYS B 128 -6.23 -4.06 22.38
N ARG B 129 -5.95 -3.35 21.29
CA ARG B 129 -5.42 -4.00 20.07
C ARG B 129 -4.40 -3.05 19.45
N ASN B 130 -3.38 -3.57 18.78
CA ASN B 130 -2.37 -2.67 18.20
C ASN B 130 -3.02 -1.66 17.26
N ALA B 131 -2.57 -0.41 17.39
CA ALA B 131 -3.08 0.71 16.62
C ALA B 131 -3.21 0.53 15.12
N LYS B 132 -2.20 -0.07 14.49
CA LYS B 132 -2.25 -0.26 13.05
C LYS B 132 -3.35 -1.20 12.59
N ASP B 133 -3.56 -2.31 13.30
CA ASP B 133 -4.61 -3.25 12.94
C ASP B 133 -5.98 -2.64 13.23
N VAL B 134 -6.03 -1.82 14.27
CA VAL B 134 -7.27 -1.15 14.62
C VAL B 134 -7.62 -0.17 13.51
N ALA B 135 -6.61 0.55 13.02
CA ALA B 135 -6.80 1.53 11.96
C ALA B 135 -7.36 0.87 10.69
N VAL B 136 -6.83 -0.30 10.35
CA VAL B 136 -7.29 -1.02 9.17
C VAL B 136 -8.74 -1.44 9.34
N SER B 137 -9.04 -2.07 10.48
CA SER B 137 -10.38 -2.55 10.75
C SER B 137 -11.40 -1.42 10.87
N PHE B 138 -10.98 -0.30 11.43
CA PHE B 138 -11.86 0.86 11.61
C PHE B 138 -12.15 1.48 10.23
N TYR B 139 -11.16 1.41 9.35
CA TYR B 139 -11.31 1.94 8.00
C TYR B 139 -12.45 1.20 7.28
N TYR B 140 -12.45 -0.13 7.35
CA TYR B 140 -13.50 -0.89 6.71
C TYR B 140 -14.87 -0.67 7.37
N PHE B 141 -14.86 -0.35 8.67
CA PHE B 141 -16.10 -0.11 9.40
C PHE B 141 -16.75 1.15 8.82
N PHE B 142 -15.91 2.11 8.47
CA PHE B 142 -16.38 3.36 7.89
C PHE B 142 -17.11 3.07 6.58
N LEU B 143 -16.47 2.27 5.73
CA LEU B 143 -17.04 1.94 4.43
C LEU B 143 -18.32 1.10 4.52
N MET B 144 -18.41 0.27 5.55
CA MET B 144 -19.53 -0.64 5.74
C MET B 144 -20.77 -0.14 6.49
N VAL B 145 -20.55 0.61 7.57
CA VAL B 145 -21.66 1.06 8.40
C VAL B 145 -22.20 2.46 8.09
N ALA B 146 -23.53 2.53 7.93
CA ALA B 146 -24.20 3.79 7.64
C ALA B 146 -23.98 4.77 8.78
N GLY B 147 -23.79 6.03 8.43
CA GLY B 147 -23.57 7.05 9.44
C GLY B 147 -22.15 7.56 9.35
N HIS B 148 -21.35 6.94 8.49
CA HIS B 148 -19.97 7.36 8.31
C HIS B 148 -19.79 8.12 7.02
N PRO B 149 -18.88 9.10 7.02
CA PRO B 149 -18.60 9.89 5.81
C PRO B 149 -17.62 9.03 5.04
N ASN B 150 -17.22 9.47 3.85
CA ASN B 150 -16.23 8.69 3.11
C ASN B 150 -14.94 8.84 3.89
N PRO B 151 -14.28 7.72 4.21
CA PRO B 151 -13.02 7.78 4.97
C PRO B 151 -11.83 8.28 4.15
N GLY B 152 -12.06 8.52 2.87
CA GLY B 152 -10.98 8.97 2.00
C GLY B 152 -10.12 7.77 1.67
N SER B 153 -8.92 8.01 1.13
CA SER B 153 -8.02 6.90 0.81
C SER B 153 -7.52 6.38 2.15
N PHE B 154 -6.83 5.25 2.15
CA PHE B 154 -6.34 4.71 3.40
C PHE B 154 -5.36 5.66 4.06
N PRO B 155 -4.40 6.23 3.30
CA PRO B 155 -3.44 7.16 3.91
C PRO B 155 -4.16 8.34 4.56
N GLU B 156 -5.19 8.84 3.87
CA GLU B 156 -5.98 9.95 4.37
C GLU B 156 -6.66 9.57 5.68
N PHE B 157 -7.21 8.37 5.73
CA PHE B 157 -7.89 7.92 6.93
C PHE B 157 -6.91 7.76 8.08
N VAL B 158 -5.73 7.21 7.78
CA VAL B 158 -4.72 7.02 8.81
C VAL B 158 -4.32 8.37 9.40
N GLU B 159 -4.36 9.42 8.57
CA GLU B 159 -4.02 10.75 9.05
C GLU B 159 -5.09 11.13 10.07
N LYS B 160 -6.35 10.91 9.73
CA LYS B 160 -7.45 11.22 10.64
C LYS B 160 -7.25 10.45 11.93
N PHE B 161 -6.84 9.18 11.80
CA PHE B 161 -6.63 8.32 12.95
C PHE B 161 -5.51 8.84 13.85
N MET B 162 -4.39 9.22 13.26
CA MET B 162 -3.29 9.73 14.07
C MET B 162 -3.67 11.00 14.83
N GLN B 163 -4.56 11.79 14.25
CA GLN B 163 -4.99 13.05 14.87
C GLN B 163 -6.20 12.89 15.79
N GLY B 164 -6.70 11.66 15.90
CA GLY B 164 -7.85 11.42 16.75
C GLY B 164 -9.13 11.99 16.18
N GLN B 165 -9.14 12.26 14.89
CA GLN B 165 -10.32 12.83 14.24
C GLN B 165 -11.24 11.74 13.67
N VAL B 166 -11.67 10.85 14.55
CA VAL B 166 -12.57 9.75 14.21
C VAL B 166 -13.47 9.51 15.41
N PRO B 167 -14.58 8.78 15.23
CA PRO B 167 -15.47 8.53 16.37
C PRO B 167 -14.71 7.95 17.56
N TYR B 168 -15.00 8.51 18.73
CA TYR B 168 -14.41 8.15 20.00
C TYR B 168 -13.03 8.75 20.25
N GLY B 169 -12.58 9.61 19.34
CA GLY B 169 -11.31 10.29 19.51
C GLY B 169 -10.01 9.53 19.39
N SER B 170 -8.98 10.06 20.04
CA SER B 170 -7.64 9.50 20.00
C SER B 170 -7.50 8.10 20.61
N TRP B 171 -7.09 7.15 19.78
CA TRP B 171 -6.85 5.78 20.21
C TRP B 171 -5.77 5.84 21.28
N TYR B 172 -4.78 6.72 21.07
CA TYR B 172 -3.66 6.85 21.99
C TYR B 172 -4.13 7.28 23.38
N LYS B 173 -4.94 8.33 23.47
CA LYS B 173 -5.43 8.79 24.77
C LYS B 173 -6.33 7.73 25.38
N HIS B 174 -7.10 7.07 24.54
CA HIS B 174 -8.04 6.03 24.96
C HIS B 174 -7.30 4.88 25.66
N VAL B 175 -6.33 4.29 24.99
CA VAL B 175 -5.62 3.16 25.60
C VAL B 175 -4.73 3.56 26.77
N LYS B 176 -4.15 4.76 26.70
CA LYS B 176 -3.31 5.22 27.79
C LYS B 176 -4.13 5.48 29.06
N SER B 177 -5.33 6.05 28.92
CA SER B 177 -6.16 6.30 30.08
C SER B 177 -6.67 5.01 30.69
N TRP B 178 -7.13 4.09 29.84
CA TRP B 178 -7.62 2.82 30.37
C TRP B 178 -6.49 1.98 30.95
N TRP B 179 -5.27 2.19 30.46
CA TRP B 179 -4.11 1.46 30.97
C TRP B 179 -3.93 1.85 32.43
N GLU B 180 -4.06 3.14 32.73
CA GLU B 180 -3.93 3.61 34.10
C GLU B 180 -5.03 2.99 34.96
N LYS B 181 -6.26 2.99 34.44
CA LYS B 181 -7.38 2.41 35.17
C LYS B 181 -7.12 0.92 35.40
N GLY B 182 -6.49 0.30 34.42
CA GLY B 182 -6.17 -1.12 34.48
C GLY B 182 -5.19 -1.55 35.56
N LYS B 183 -4.54 -0.60 36.22
CA LYS B 183 -3.61 -0.96 37.27
C LYS B 183 -4.41 -1.47 38.46
N SER B 184 -5.69 -1.11 38.50
CA SER B 184 -6.57 -1.58 39.56
C SER B 184 -6.98 -3.01 39.27
N PRO B 185 -7.08 -3.85 40.31
CA PRO B 185 -7.48 -5.25 40.09
C PRO B 185 -8.94 -5.35 39.63
N ARG B 186 -9.67 -4.25 39.76
CA ARG B 186 -11.08 -4.19 39.40
C ARG B 186 -11.32 -3.99 37.91
N VAL B 187 -10.28 -3.60 37.19
CA VAL B 187 -10.36 -3.34 35.75
C VAL B 187 -9.34 -4.25 35.07
N LEU B 188 -9.82 -5.30 34.42
CA LEU B 188 -8.93 -6.25 33.75
C LEU B 188 -8.53 -5.73 32.38
N PHE B 189 -7.24 -5.46 32.19
CA PHE B 189 -6.72 -4.94 30.93
C PHE B 189 -6.21 -6.09 30.05
N LEU B 190 -6.90 -6.33 28.93
CA LEU B 190 -6.53 -7.41 28.00
C LEU B 190 -6.06 -6.93 26.63
N PHE B 191 -5.33 -7.81 25.93
CA PHE B 191 -4.83 -7.52 24.59
C PHE B 191 -5.39 -8.52 23.57
N TYR B 192 -5.85 -7.99 22.44
CA TYR B 192 -6.39 -8.80 21.34
C TYR B 192 -5.31 -9.82 20.94
N GLU B 193 -4.07 -9.35 20.87
CA GLU B 193 -2.93 -10.17 20.50
C GLU B 193 -2.70 -11.35 21.45
N ASP B 194 -3.09 -11.19 22.71
CA ASP B 194 -2.93 -12.24 23.70
C ASP B 194 -4.02 -13.29 23.45
N LEU B 195 -5.23 -12.84 23.13
CA LEU B 195 -6.33 -13.76 22.82
C LEU B 195 -5.94 -14.58 21.60
N LYS B 196 -5.26 -13.93 20.65
CA LYS B 196 -4.82 -14.60 19.43
C LYS B 196 -3.72 -15.61 19.69
N GLU B 197 -2.72 -15.20 20.48
CA GLU B 197 -1.57 -16.06 20.78
C GLU B 197 -1.86 -17.30 21.62
N ASP B 198 -2.69 -17.15 22.64
CA ASP B 198 -3.03 -18.26 23.52
C ASP B 198 -4.39 -18.00 24.12
N ILE B 199 -5.44 -18.32 23.38
CA ILE B 199 -6.80 -18.08 23.84
C ILE B 199 -7.11 -18.77 25.17
N ARG B 200 -6.61 -20.00 25.36
CA ARG B 200 -6.87 -20.72 26.60
C ARG B 200 -6.40 -19.96 27.84
N LYS B 201 -5.22 -19.36 27.75
CA LYS B 201 -4.68 -18.61 28.88
C LYS B 201 -5.55 -17.41 29.24
N GLU B 202 -6.07 -16.74 28.22
CA GLU B 202 -6.90 -15.56 28.47
C GLU B 202 -8.29 -15.94 28.96
N VAL B 203 -8.82 -17.03 28.44
CA VAL B 203 -10.14 -17.50 28.84
C VAL B 203 -10.11 -17.87 30.33
N ILE B 204 -9.05 -18.55 30.75
CA ILE B 204 -8.92 -18.95 32.15
C ILE B 204 -8.81 -17.71 33.04
N LYS B 205 -8.06 -16.72 32.56
CA LYS B 205 -7.90 -15.47 33.29
C LYS B 205 -9.25 -14.77 33.44
N LEU B 206 -10.05 -14.79 32.38
CA LEU B 206 -11.37 -14.16 32.43
C LEU B 206 -12.31 -14.90 33.39
N ILE B 207 -12.22 -16.22 33.43
CA ILE B 207 -13.07 -16.99 34.33
C ILE B 207 -12.75 -16.62 35.77
N HIS B 208 -11.46 -16.56 36.10
CA HIS B 208 -11.05 -16.20 37.44
C HIS B 208 -11.41 -14.74 37.76
N PHE B 209 -11.27 -13.85 36.78
CA PHE B 209 -11.62 -12.46 37.03
C PHE B 209 -13.10 -12.35 37.33
N LEU B 210 -13.90 -13.18 36.65
CA LEU B 210 -15.34 -13.16 36.86
C LEU B 210 -15.82 -14.08 37.99
N GLU B 211 -14.88 -14.56 38.79
CA GLU B 211 -15.20 -15.40 39.95
C GLU B 211 -15.97 -16.68 39.63
N ARG B 212 -15.65 -17.32 38.50
CA ARG B 212 -16.33 -18.56 38.11
C ARG B 212 -15.38 -19.74 38.23
N LYS B 213 -15.92 -20.95 38.13
CA LYS B 213 -15.12 -22.17 38.21
C LYS B 213 -14.59 -22.53 36.83
N PRO B 214 -13.25 -22.59 36.69
CA PRO B 214 -12.59 -22.92 35.42
C PRO B 214 -12.47 -24.40 35.07
N SER B 215 -13.58 -25.02 34.68
CA SER B 215 -13.55 -26.43 34.33
C SER B 215 -13.04 -26.60 32.90
N GLU B 216 -12.59 -27.81 32.56
CA GLU B 216 -12.10 -28.06 31.22
C GLU B 216 -13.27 -28.00 30.23
N GLU B 217 -14.42 -28.50 30.64
CA GLU B 217 -15.62 -28.50 29.79
C GLU B 217 -15.99 -27.07 29.39
N LEU B 218 -15.93 -26.16 30.35
CA LEU B 218 -16.27 -24.77 30.10
C LEU B 218 -15.25 -24.17 29.14
N VAL B 219 -13.97 -24.32 29.49
CA VAL B 219 -12.89 -23.80 28.66
C VAL B 219 -12.99 -24.34 27.22
N ASP B 220 -13.21 -25.66 27.09
CA ASP B 220 -13.31 -26.27 25.77
C ASP B 220 -14.42 -25.63 24.93
N ARG B 221 -15.61 -25.51 25.50
CA ARG B 221 -16.72 -24.93 24.75
C ARG B 221 -16.46 -23.47 24.38
N ILE B 222 -15.89 -22.69 25.29
CA ILE B 222 -15.63 -21.30 24.99
C ILE B 222 -14.63 -21.19 23.83
N ILE B 223 -13.52 -21.92 23.94
CA ILE B 223 -12.50 -21.88 22.90
C ILE B 223 -13.10 -22.26 21.54
N HIS B 224 -13.94 -23.29 21.52
CA HIS B 224 -14.54 -23.70 20.26
C HIS B 224 -15.58 -22.71 19.74
N HIS B 225 -16.55 -22.36 20.59
CA HIS B 225 -17.62 -21.44 20.21
C HIS B 225 -17.15 -20.04 19.83
N THR B 226 -16.09 -19.55 20.45
CA THR B 226 -15.62 -18.20 20.14
C THR B 226 -14.49 -18.10 19.12
N SER B 227 -14.21 -19.18 18.41
CA SER B 227 -13.17 -19.13 17.39
C SER B 227 -13.71 -18.26 16.25
N PHE B 228 -12.82 -17.68 15.46
CA PHE B 228 -13.22 -16.81 14.37
C PHE B 228 -14.16 -17.49 13.38
N GLN B 229 -13.84 -18.72 13.00
CA GLN B 229 -14.66 -19.47 12.04
C GLN B 229 -16.08 -19.64 12.55
N GLU B 230 -16.23 -20.05 13.81
CA GLU B 230 -17.56 -20.25 14.37
C GLU B 230 -18.35 -18.94 14.49
N MET B 231 -17.74 -17.93 15.10
CA MET B 231 -18.42 -16.65 15.25
C MET B 231 -18.74 -15.97 13.93
N LYS B 232 -17.91 -16.23 12.92
CA LYS B 232 -18.12 -15.63 11.61
C LYS B 232 -19.37 -16.19 10.93
N ASN B 233 -19.70 -17.44 11.23
CA ASN B 233 -20.87 -18.08 10.64
C ASN B 233 -22.07 -18.11 11.59
N ASN B 234 -21.88 -17.61 12.80
CA ASN B 234 -22.95 -17.56 13.79
C ASN B 234 -23.73 -16.26 13.59
N PRO B 235 -24.96 -16.35 13.06
CA PRO B 235 -25.77 -15.14 12.82
C PRO B 235 -26.04 -14.34 14.09
N SER B 236 -25.81 -14.95 15.24
CA SER B 236 -26.03 -14.29 16.52
C SER B 236 -24.87 -13.34 16.87
N THR B 237 -23.70 -13.61 16.31
CA THR B 237 -22.52 -12.81 16.60
C THR B 237 -21.86 -12.08 15.42
N ASN B 238 -22.25 -12.43 14.19
CA ASN B 238 -21.65 -11.79 13.01
C ASN B 238 -22.42 -10.60 12.45
N TYR B 239 -23.39 -10.09 13.22
CA TYR B 239 -24.20 -8.94 12.83
C TYR B 239 -24.93 -9.03 11.49
N THR B 240 -25.03 -10.24 10.93
CA THR B 240 -25.71 -10.41 9.63
C THR B 240 -27.23 -10.23 9.70
N THR B 241 -27.79 -10.07 10.89
CA THR B 241 -29.23 -9.88 11.01
C THR B 241 -29.59 -8.44 10.71
N LEU B 242 -28.59 -7.55 10.75
CA LEU B 242 -28.82 -6.15 10.48
C LEU B 242 -29.01 -5.91 8.99
N PRO B 243 -29.97 -5.05 8.62
CA PRO B 243 -30.24 -4.75 7.21
C PRO B 243 -29.03 -4.03 6.61
N ASP B 244 -28.87 -4.16 5.31
CA ASP B 244 -27.73 -3.53 4.61
C ASP B 244 -27.67 -2.01 4.66
N GLU B 245 -28.79 -1.35 4.98
CA GLU B 245 -28.80 0.11 5.06
C GLU B 245 -28.07 0.57 6.31
N ILE B 246 -28.01 -0.33 7.29
CA ILE B 246 -27.35 -0.12 8.56
C ILE B 246 -25.93 -0.65 8.50
N MET B 247 -25.77 -1.88 8.03
CA MET B 247 -24.43 -2.49 7.91
C MET B 247 -24.37 -3.37 6.66
N ASN B 248 -23.74 -2.85 5.62
CA ASN B 248 -23.63 -3.59 4.37
C ASN B 248 -22.37 -4.44 4.34
N GLN B 249 -22.53 -5.72 4.68
CA GLN B 249 -21.42 -6.66 4.73
C GLN B 249 -21.10 -7.32 3.39
N LYS B 250 -21.78 -6.88 2.34
CA LYS B 250 -21.51 -7.42 1.01
C LYS B 250 -20.24 -6.75 0.51
N LEU B 251 -19.97 -5.56 1.05
CA LEU B 251 -18.79 -4.78 0.70
C LEU B 251 -17.60 -5.38 1.46
N SER B 252 -17.82 -5.59 2.76
CA SER B 252 -16.83 -6.14 3.66
C SER B 252 -17.58 -6.73 4.86
N PRO B 253 -17.29 -7.99 5.21
CA PRO B 253 -17.98 -8.60 6.35
C PRO B 253 -17.47 -8.10 7.69
N PHE B 254 -18.34 -8.07 8.69
CA PHE B 254 -17.96 -7.60 10.03
C PHE B 254 -16.81 -8.48 10.54
N MET B 255 -17.00 -9.79 10.44
CA MET B 255 -15.96 -10.73 10.84
C MET B 255 -15.13 -10.81 9.56
N ARG B 256 -14.25 -9.82 9.41
CA ARG B 256 -13.41 -9.65 8.23
C ARG B 256 -12.28 -10.67 8.07
N LYS B 257 -11.25 -10.58 8.90
CA LYS B 257 -10.12 -11.52 8.82
C LYS B 257 -9.80 -12.17 10.16
N GLY B 258 -9.90 -11.38 11.23
CA GLY B 258 -9.64 -11.90 12.56
C GLY B 258 -8.20 -12.31 12.82
N ILE B 259 -7.26 -11.58 12.25
CA ILE B 259 -5.84 -11.89 12.45
C ILE B 259 -5.10 -10.70 13.04
N THR B 260 -3.84 -10.92 13.36
CA THR B 260 -3.00 -9.85 13.85
C THR B 260 -2.02 -9.60 12.71
N GLY B 261 -1.73 -8.34 12.45
CA GLY B 261 -0.80 -8.03 11.38
C GLY B 261 -1.39 -7.69 10.03
N ASP B 262 -2.70 -7.50 9.93
CA ASP B 262 -3.25 -7.16 8.62
C ASP B 262 -2.72 -5.80 8.18
N TRP B 263 -2.16 -5.03 9.11
CA TRP B 263 -1.62 -3.73 8.76
C TRP B 263 -0.51 -3.87 7.71
N LYS B 264 0.19 -5.02 7.75
CA LYS B 264 1.28 -5.26 6.80
C LYS B 264 0.78 -5.32 5.36
N ASN B 265 -0.52 -5.55 5.20
CA ASN B 265 -1.11 -5.64 3.86
C ASN B 265 -1.70 -4.32 3.40
N HIS B 266 -1.72 -3.32 4.29
CA HIS B 266 -2.31 -2.02 3.94
C HIS B 266 -1.39 -0.81 3.98
N PHE B 267 -0.53 -0.73 4.99
CA PHE B 267 0.40 0.40 5.12
C PHE B 267 1.55 0.34 4.15
N THR B 268 1.80 1.42 3.41
CA THR B 268 2.95 1.46 2.52
C THR B 268 4.12 1.65 3.49
N GLU B 269 5.34 1.39 3.04
CA GLU B 269 6.50 1.55 3.90
C GLU B 269 6.60 3.00 4.37
N ALA B 270 6.20 3.94 3.50
CA ALA B 270 6.26 5.35 3.85
C ALA B 270 5.28 5.69 4.96
N LEU B 271 4.05 5.21 4.84
CA LEU B 271 3.03 5.49 5.84
C LEU B 271 3.39 4.80 7.14
N ASN B 272 4.00 3.62 7.02
CA ASN B 272 4.38 2.89 8.21
C ASN B 272 5.43 3.68 8.98
N GLU B 273 6.38 4.25 8.25
CA GLU B 273 7.44 5.05 8.84
C GLU B 273 6.86 6.29 9.53
N LYS B 274 5.94 6.96 8.84
CA LYS B 274 5.29 8.16 9.38
C LYS B 274 4.48 7.81 10.63
N PHE B 275 3.70 6.75 10.55
CA PHE B 275 2.88 6.31 11.68
C PHE B 275 3.71 5.89 12.89
N ASP B 276 4.79 5.13 12.65
CA ASP B 276 5.63 4.68 13.74
C ASP B 276 6.29 5.83 14.49
N LYS B 277 6.71 6.86 13.76
CA LYS B 277 7.34 8.02 14.36
C LYS B 277 6.34 8.74 15.26
N HIS B 278 5.12 8.93 14.75
CA HIS B 278 4.06 9.60 15.50
C HIS B 278 3.67 8.77 16.72
N TYR B 279 3.62 7.46 16.54
CA TYR B 279 3.27 6.53 17.63
C TYR B 279 4.22 6.70 18.80
N GLU B 280 5.51 6.69 18.52
CA GLU B 280 6.53 6.82 19.57
C GLU B 280 6.39 8.14 20.34
N GLN B 281 6.09 9.21 19.63
CA GLN B 281 5.93 10.51 20.30
C GLN B 281 4.68 10.52 21.17
N GLN B 282 3.71 9.69 20.81
CA GLN B 282 2.47 9.61 21.55
C GLN B 282 2.52 8.63 22.71
N MET B 283 3.32 7.57 22.56
CA MET B 283 3.37 6.48 23.54
C MET B 283 4.63 6.19 24.35
N LYS B 284 5.77 6.80 24.02
CA LYS B 284 7.00 6.48 24.74
C LYS B 284 7.00 6.67 26.25
N GLU B 285 6.13 7.52 26.79
CA GLU B 285 6.07 7.75 28.23
C GLU B 285 5.15 6.78 28.97
N SER B 286 4.33 6.03 28.25
CA SER B 286 3.42 5.08 28.89
C SER B 286 4.07 3.72 29.06
N THR B 287 3.78 3.04 30.18
CA THR B 287 4.35 1.72 30.43
C THR B 287 3.61 0.64 29.65
N LEU B 288 2.56 1.05 28.94
CA LEU B 288 1.77 0.13 28.12
C LEU B 288 2.66 -0.37 26.99
N LYS B 289 2.74 -1.68 26.81
CA LYS B 289 3.57 -2.26 25.75
C LYS B 289 2.94 -3.47 25.08
N PHE B 290 3.20 -3.63 23.78
CA PHE B 290 2.72 -4.79 23.03
C PHE B 290 3.86 -5.79 22.88
S2 PPS C . 10.89 4.54 -21.32
OS1 PPS C . 9.59 4.76 -21.83
OS2 PPS C . 11.12 3.19 -20.90
OS3 PPS C . 11.89 5.02 -22.22
O6P PPS C . 10.95 5.49 -20.00
P2 PPS C . 12.29 5.95 -19.24
O4P PPS C . 13.19 4.92 -19.37
O5P PPS C . 12.83 7.20 -19.79
O5' PPS C . 11.91 6.21 -17.72
C5' PPS C . 11.04 7.20 -17.25
C4' PPS C . 11.46 7.48 -15.82
O4' PPS C . 12.72 8.25 -15.82
C1' PPS C . 12.51 9.43 -15.10
N9 PPS C . 13.27 10.56 -15.61
C4 PPS C . 14.06 11.43 -14.88
N3 PPS C . 14.31 11.40 -13.54
C2 PPS C . 15.12 12.41 -13.12
N1 PPS C . 15.66 13.38 -13.92
C6 PPS C . 15.39 13.37 -15.29
N6 PPS C . 15.92 14.34 -16.03
C5 PPS C . 14.53 12.34 -15.84
N7 PPS C . 14.08 12.04 -17.09
C8 PPS C . 13.34 10.99 -16.91
C2' PPS C . 11.00 9.71 -15.17
O2' PPS C . 10.54 10.66 -14.25
C3' PPS C . 10.48 8.30 -15.03
O3' PPS C . 10.52 7.78 -13.70
P1 PPS C . 9.39 7.98 -12.58
O1P PPS C . 8.16 7.37 -13.11
O2P PPS C . 9.18 9.42 -12.27
O3P PPS C . 9.88 7.26 -11.38
S2 PPS D . -17.07 -2.96 17.15
OS1 PPS D . -18.03 -2.62 16.14
OS2 PPS D . -16.20 -1.88 17.49
OS3 PPS D . -17.70 -3.54 18.31
O6P PPS D . -16.14 -4.13 16.46
P2 PPS D . -15.18 -5.12 17.27
O4P PPS D . -14.69 -4.40 18.33
O5P PPS D . -15.90 -6.32 17.77
O5' PPS D . -14.03 -5.58 16.30
C5' PPS D . -14.19 -6.35 15.13
C4' PPS D . -12.84 -6.98 14.84
O4' PPS D . -12.63 -8.08 15.75
C1' PPS D . -12.37 -9.26 15.02
N9 PPS D . -12.90 -10.44 15.68
C4 PPS D . -12.23 -11.63 15.94
N3 PPS D . -10.94 -11.96 15.63
C2 PPS D . -10.61 -13.22 16.02
N1 PPS D . -11.45 -14.10 16.64
C6 PPS D . -12.76 -13.74 16.93
N6 PPS D . -13.54 -14.64 17.54
C5 PPS D . -13.21 -12.42 16.57
N7 PPS D . -14.40 -11.74 16.71
C8 PPS D . -14.16 -10.59 16.17
C2' PPS D . -13.04 -9.02 13.65
O2' PPS D . -12.65 -9.93 12.67
C3' PPS D . -12.68 -7.57 13.45
O3' PPS D . -11.34 -7.34 13.07
P1 PPS D . -10.76 -7.39 11.59
O1P PPS D . -11.47 -6.34 10.84
O2P PPS D . -10.94 -8.72 10.94
O3P PPS D . -9.32 -7.08 11.69
#